data_7JLZ
#
_entry.id   7JLZ
#
_cell.length_a   50.370
_cell.length_b   66.330
_cell.length_c   133.010
_cell.angle_alpha   90.000
_cell.angle_beta   90.000
_cell.angle_gamma   90.000
#
_symmetry.space_group_name_H-M   'C 2 2 21'
#
loop_
_entity.id
_entity.type
_entity.pdbx_description
1 polymer '16S rRNA methylase'
2 non-polymer 'SULFATE ION'
3 water water
#
_entity_poly.entity_id   1
_entity_poly.type   'polypeptide(L)'
_entity_poly.pdbx_seq_one_letter_code
;MKVVTGKSIKEVDKNELVNILNAYKKVEVDLGTGDGRYVYKNAKENSGTLFIGIEPIQKQLENYSRKSQKENITNAIYIL
GSVEYFPDELLGTADKLTIILPWGSLLQSITNPNYEKNSLISNILKSNGICEIVLGYSQEYEPNETERLELENLSVEYLK
STVIPIFEKNNLHLTEFGSLGKKDLKPIESTWSKKLSFGKNRPLYQLKFKKMLN
;
_entity_poly.pdbx_strand_id   A
#
loop_
_chem_comp.id
_chem_comp.type
_chem_comp.name
_chem_comp.formula
SO4 non-polymer 'SULFATE ION' 'O4 S -2'
#
# COMPACT_ATOMS: atom_id res chain seq x y z
N MET A 1 -7.49 17.28 -0.79
CA MET A 1 -6.52 16.39 -1.43
C MET A 1 -6.77 16.37 -2.93
N LYS A 2 -5.81 15.84 -3.69
CA LYS A 2 -5.84 15.93 -5.14
C LYS A 2 -6.05 14.53 -5.72
N VAL A 3 -7.18 14.35 -6.39
CA VAL A 3 -7.58 13.07 -6.98
C VAL A 3 -7.18 13.06 -8.45
N VAL A 4 -6.52 11.99 -8.88
CA VAL A 4 -6.02 11.86 -10.25
C VAL A 4 -7.06 11.14 -11.11
N THR A 5 -7.35 11.71 -12.27
CA THR A 5 -8.21 11.07 -13.27
C THR A 5 -7.58 11.34 -14.63
N GLY A 6 -6.85 10.35 -15.16
CA GLY A 6 -6.16 10.56 -16.42
C GLY A 6 -5.12 11.64 -16.27
N LYS A 7 -5.11 12.57 -17.24
CA LYS A 7 -4.14 13.66 -17.24
C LYS A 7 -4.55 14.82 -16.35
N SER A 8 -5.59 14.65 -15.54
CA SER A 8 -6.10 15.76 -14.74
C SER A 8 -6.11 15.40 -13.26
N ILE A 9 -6.00 16.45 -12.43
CA ILE A 9 -6.17 16.29 -10.99
CA ILE A 9 -6.10 16.36 -10.99
C ILE A 9 -7.23 17.28 -10.54
N LYS A 10 -8.00 16.85 -9.54
CA LYS A 10 -9.08 17.67 -9.02
C LYS A 10 -9.09 17.60 -7.51
N GLU A 11 -9.38 18.73 -6.89
CA GLU A 11 -9.43 18.78 -5.44
C GLU A 11 -10.72 18.15 -4.92
N VAL A 12 -10.58 17.31 -3.92
CA VAL A 12 -11.71 16.77 -3.16
C VAL A 12 -11.42 17.06 -1.70
N ASP A 13 -12.34 17.75 -1.03
CA ASP A 13 -12.09 18.08 0.36
C ASP A 13 -12.67 17.01 1.29
N LYS A 14 -12.37 17.16 2.57
CA LYS A 14 -12.72 16.11 3.54
C LYS A 14 -14.22 15.83 3.56
N ASN A 15 -15.04 16.90 3.48
CA ASN A 15 -16.48 16.69 3.52
C ASN A 15 -16.95 15.82 2.36
N GLU A 16 -16.42 16.07 1.17
CA GLU A 16 -16.79 15.22 0.03
C GLU A 16 -16.25 13.81 0.21
N LEU A 17 -15.01 13.69 0.69
CA LEU A 17 -14.44 12.36 0.90
C LEU A 17 -15.25 11.56 1.91
N VAL A 18 -15.74 12.22 2.95
CA VAL A 18 -16.53 11.50 3.96
C VAL A 18 -17.79 10.90 3.34
N ASN A 19 -18.44 11.63 2.44
CA ASN A 19 -19.60 11.10 1.74
C ASN A 19 -19.23 9.86 0.93
N ILE A 20 -18.00 9.81 0.42
CA ILE A 20 -17.55 8.66 -0.35
C ILE A 20 -17.22 7.48 0.57
N LEU A 21 -16.42 7.71 1.60
CA LEU A 21 -16.05 6.65 2.52
C LEU A 21 -17.27 5.99 3.14
N ASN A 22 -18.28 6.78 3.48
CA ASN A 22 -19.43 6.24 4.19
C ASN A 22 -20.25 5.29 3.36
N ALA A 23 -20.07 5.31 2.04
CA ALA A 23 -20.80 4.40 1.16
C ALA A 23 -20.27 2.97 1.20
N TYR A 24 -19.09 2.75 1.77
CA TYR A 24 -18.46 1.43 1.77
C TYR A 24 -18.31 0.88 3.17
N LYS A 25 -18.35 -0.46 3.27
CA LYS A 25 -18.16 -1.14 4.55
C LYS A 25 -16.68 -1.37 4.89
N LYS A 26 -15.80 -1.37 3.89
CA LYS A 26 -14.36 -1.50 4.08
C LYS A 26 -13.65 -0.49 3.20
N VAL A 27 -12.58 0.10 3.72
CA VAL A 27 -11.71 0.99 2.97
C VAL A 27 -10.29 0.42 3.04
N GLU A 28 -9.63 0.36 1.89
CA GLU A 28 -8.25 -0.10 1.81
C GLU A 28 -7.40 0.96 1.14
N VAL A 29 -6.26 1.29 1.75
CA VAL A 29 -5.29 2.22 1.19
C VAL A 29 -4.10 1.42 0.71
N ASP A 30 -3.66 1.70 -0.53
CA ASP A 30 -2.62 0.91 -1.21
C ASP A 30 -1.46 1.82 -1.58
N LEU A 31 -0.28 1.54 -1.02
CA LEU A 31 0.92 2.33 -1.26
C LEU A 31 1.94 1.49 -1.99
N GLY A 32 2.69 2.11 -2.89
CA GLY A 32 3.75 1.40 -3.58
C GLY A 32 3.30 0.57 -4.77
N THR A 33 2.15 0.87 -5.34
CA THR A 33 1.64 0.04 -6.44
C THR A 33 2.27 0.36 -7.78
N GLY A 34 3.16 1.35 -7.86
CA GLY A 34 3.79 1.64 -9.15
C GLY A 34 2.90 2.48 -10.04
N ASP A 35 1.92 1.83 -10.68
CA ASP A 35 1.00 2.49 -11.59
C ASP A 35 -0.45 2.35 -11.16
N GLY A 36 -0.72 1.87 -9.95
CA GLY A 36 -2.09 1.71 -9.54
C GLY A 36 -2.79 0.46 -10.05
N ARG A 37 -2.08 -0.44 -10.77
CA ARG A 37 -2.72 -1.67 -11.23
C ARG A 37 -3.38 -2.44 -10.10
N TYR A 38 -2.70 -2.52 -8.95
CA TYR A 38 -3.22 -3.26 -7.80
C TYR A 38 -4.57 -2.72 -7.36
N VAL A 39 -4.71 -1.39 -7.39
CA VAL A 39 -5.98 -0.77 -6.99
C VAL A 39 -7.10 -1.17 -7.93
N TYR A 40 -6.84 -1.04 -9.23
CA TYR A 40 -7.82 -1.40 -10.25
C TYR A 40 -8.22 -2.87 -10.17
N LYS A 41 -7.22 -3.75 -10.13
CA LYS A 41 -7.52 -5.18 -10.13
C LYS A 41 -8.31 -5.57 -8.89
N ASN A 42 -7.94 -5.04 -7.72
CA ASN A 42 -8.64 -5.43 -6.51
C ASN A 42 -10.03 -4.81 -6.44
N ALA A 43 -10.18 -3.56 -6.90
CA ALA A 43 -11.51 -2.94 -6.95
C ALA A 43 -12.48 -3.75 -7.80
N LYS A 44 -12.03 -4.20 -8.98
CA LYS A 44 -12.89 -5.02 -9.84
C LYS A 44 -13.35 -6.29 -9.15
N GLU A 45 -12.52 -6.85 -8.27
CA GLU A 45 -12.81 -8.11 -7.63
C GLU A 45 -13.61 -7.98 -6.34
N ASN A 46 -13.65 -6.79 -5.73
CA ASN A 46 -14.33 -6.59 -4.45
C ASN A 46 -15.11 -5.28 -4.51
N SER A 47 -16.34 -5.35 -5.03
CA SER A 47 -17.13 -4.14 -5.23
C SER A 47 -17.56 -3.48 -3.93
N GLY A 48 -17.50 -4.21 -2.80
CA GLY A 48 -17.87 -3.68 -1.51
C GLY A 48 -16.79 -2.92 -0.78
N THR A 49 -15.57 -2.94 -1.28
CA THR A 49 -14.43 -2.28 -0.65
C THR A 49 -13.98 -1.10 -1.51
N LEU A 50 -13.68 0.02 -0.86
CA LEU A 50 -13.08 1.16 -1.55
C LEU A 50 -11.56 1.02 -1.52
N PHE A 51 -10.92 1.05 -2.68
CA PHE A 51 -9.47 0.95 -2.76
C PHE A 51 -8.90 2.30 -3.17
N ILE A 52 -7.90 2.77 -2.41
CA ILE A 52 -7.31 4.09 -2.60
C ILE A 52 -5.82 3.91 -2.84
N GLY A 53 -5.36 4.28 -4.04
CA GLY A 53 -3.92 4.30 -4.32
C GLY A 53 -3.37 5.70 -4.13
N ILE A 54 -2.17 5.79 -3.52
CA ILE A 54 -1.50 7.06 -3.28
C ILE A 54 -0.08 7.01 -3.81
N GLU A 55 0.25 7.89 -4.76
CA GLU A 55 1.58 8.00 -5.33
C GLU A 55 1.94 9.47 -5.57
N PRO A 56 3.23 9.80 -5.63
CA PRO A 56 3.63 11.22 -5.70
C PRO A 56 3.63 11.83 -7.09
N ILE A 57 3.78 11.05 -8.15
CA ILE A 57 3.95 11.60 -9.49
C ILE A 57 2.67 11.37 -10.26
N GLN A 58 2.10 12.44 -10.82
CA GLN A 58 0.78 12.31 -11.44
C GLN A 58 0.78 11.27 -12.56
N LYS A 59 1.85 11.24 -13.35
CA LYS A 59 1.90 10.32 -14.49
C LYS A 59 1.83 8.86 -14.04
N GLN A 60 2.23 8.56 -12.80
CA GLN A 60 2.15 7.18 -12.31
C GLN A 60 0.74 6.63 -12.40
N LEU A 61 -0.25 7.46 -12.07
CA LEU A 61 -1.61 6.98 -11.88
C LEU A 61 -2.52 7.34 -13.05
N GLU A 62 -1.96 7.93 -14.11
CA GLU A 62 -2.76 8.40 -15.24
C GLU A 62 -3.50 7.24 -15.94
N ASN A 63 -2.78 6.16 -16.28
CA ASN A 63 -3.37 5.08 -17.08
C ASN A 63 -4.50 4.38 -16.32
N TYR A 64 -4.23 3.90 -15.10
CA TYR A 64 -5.25 3.12 -14.39
C TYR A 64 -6.36 3.98 -13.82
N SER A 65 -6.10 5.25 -13.50
CA SER A 65 -7.23 6.10 -13.08
C SER A 65 -8.17 6.36 -14.25
N ARG A 66 -7.62 6.49 -15.46
CA ARG A 66 -8.45 6.66 -16.65
C ARG A 66 -9.22 5.39 -16.95
N LYS A 67 -8.53 4.23 -16.90
CA LYS A 67 -9.21 2.95 -17.09
C LYS A 67 -10.35 2.77 -16.10
N SER A 68 -10.09 3.07 -14.83
CA SER A 68 -11.11 2.90 -13.79
C SER A 68 -12.32 3.77 -14.06
N GLN A 69 -12.08 5.01 -14.50
CA GLN A 69 -13.20 5.92 -14.75
C GLN A 69 -13.98 5.48 -15.98
N LYS A 70 -13.26 5.09 -17.04
CA LYS A 70 -13.92 4.65 -18.27
C LYS A 70 -14.72 3.38 -18.03
N GLU A 71 -14.16 2.43 -17.29
CA GLU A 71 -14.82 1.16 -17.03
C GLU A 71 -15.80 1.23 -15.86
N ASN A 72 -16.03 2.42 -15.32
CA ASN A 72 -16.99 2.62 -14.22
C ASN A 72 -16.61 1.78 -13.00
N ILE A 73 -15.31 1.69 -12.72
CA ILE A 73 -14.80 1.02 -11.51
C ILE A 73 -14.79 2.10 -10.43
N THR A 74 -15.97 2.35 -9.85
CA THR A 74 -16.15 3.51 -8.98
C THR A 74 -15.57 3.32 -7.59
N ASN A 75 -15.17 2.11 -7.21
CA ASN A 75 -14.55 1.87 -5.92
C ASN A 75 -13.02 1.87 -6.01
N ALA A 76 -12.47 2.46 -7.06
CA ALA A 76 -11.04 2.70 -7.19
C ALA A 76 -10.81 4.20 -7.30
N ILE A 77 -9.99 4.74 -6.40
CA ILE A 77 -9.65 6.16 -6.44
CA ILE A 77 -9.66 6.17 -6.39
C ILE A 77 -8.14 6.31 -6.29
N TYR A 78 -7.59 7.34 -6.93
CA TYR A 78 -6.16 7.54 -7.05
C TYR A 78 -5.80 8.96 -6.64
N ILE A 79 -4.84 9.09 -5.71
CA ILE A 79 -4.59 10.35 -5.01
C ILE A 79 -3.11 10.68 -5.03
N LEU A 80 -2.78 11.96 -5.18
CA LEU A 80 -1.40 12.40 -5.07
C LEU A 80 -0.97 12.42 -3.61
N GLY A 81 0.17 11.82 -3.31
CA GLY A 81 0.65 11.85 -1.95
C GLY A 81 1.99 11.14 -1.82
N SER A 82 2.61 11.35 -0.67
CA SER A 82 3.90 10.77 -0.32
C SER A 82 4.02 10.88 1.19
N VAL A 83 5.07 10.27 1.74
CA VAL A 83 5.31 10.40 3.19
C VAL A 83 5.38 11.87 3.57
N GLU A 84 6.11 12.66 2.79
CA GLU A 84 6.37 14.05 3.11
C GLU A 84 5.18 14.96 2.83
N TYR A 85 4.30 14.56 1.92
CA TYR A 85 3.09 15.31 1.56
C TYR A 85 1.93 14.33 1.60
N PHE A 86 1.57 13.93 2.81
CA PHE A 86 0.50 12.95 2.86
C PHE A 86 -0.84 13.62 3.12
N PRO A 87 -1.92 13.18 2.48
CA PRO A 87 -3.22 13.87 2.66
C PRO A 87 -3.81 13.60 4.04
N ASP A 88 -3.95 14.67 4.84
CA ASP A 88 -4.54 14.55 6.18
C ASP A 88 -5.91 13.90 6.14
N GLU A 89 -6.66 14.13 5.06
CA GLU A 89 -8.00 13.58 4.89
C GLU A 89 -8.04 12.07 5.02
N LEU A 90 -6.94 11.38 4.74
CA LEU A 90 -6.94 9.92 4.77
C LEU A 90 -6.45 9.33 6.07
N LEU A 91 -6.01 10.14 7.02
CA LEU A 91 -5.56 9.57 8.29
C LEU A 91 -6.76 9.01 9.04
N GLY A 92 -6.58 7.83 9.61
CA GLY A 92 -7.63 7.19 10.38
C GLY A 92 -8.75 6.59 9.58
N THR A 93 -8.57 6.37 8.27
CA THR A 93 -9.67 5.94 7.40
C THR A 93 -9.61 4.49 6.95
N ALA A 94 -8.47 3.83 7.08
CA ALA A 94 -8.24 2.55 6.40
C ALA A 94 -8.53 1.37 7.32
N ASP A 95 -9.40 0.46 6.84
CA ASP A 95 -9.53 -0.85 7.48
C ASP A 95 -8.35 -1.74 7.14
N LYS A 96 -7.73 -1.52 5.97
CA LYS A 96 -6.54 -2.26 5.58
C LYS A 96 -5.60 -1.31 4.86
N LEU A 97 -4.31 -1.45 5.16
CA LEU A 97 -3.24 -0.69 4.53
C LEU A 97 -2.28 -1.69 3.94
N THR A 98 -2.11 -1.65 2.62
CA THR A 98 -1.15 -2.52 1.95
C THR A 98 0.01 -1.66 1.43
N ILE A 99 1.23 -2.08 1.77
CA ILE A 99 2.44 -1.33 1.46
C ILE A 99 3.34 -2.24 0.63
N ILE A 100 3.47 -1.97 -0.66
CA ILE A 100 4.36 -2.71 -1.53
C ILE A 100 5.63 -1.88 -1.63
N LEU A 101 6.63 -2.23 -0.82
CA LEU A 101 7.83 -1.40 -0.74
C LEU A 101 8.59 -1.46 -2.07
N PRO A 102 9.33 -0.40 -2.40
CA PRO A 102 9.47 0.85 -1.65
C PRO A 102 8.35 1.84 -1.91
N TRP A 103 8.15 2.76 -0.97
CA TRP A 103 7.27 3.90 -1.15
C TRP A 103 8.02 5.09 -0.56
N GLY A 104 9.01 5.57 -1.30
CA GLY A 104 9.75 6.74 -0.86
C GLY A 104 10.56 6.42 0.38
N SER A 105 10.46 7.29 1.38
CA SER A 105 11.22 7.12 2.62
C SER A 105 10.58 6.15 3.59
N LEU A 106 9.39 5.63 3.29
CA LEU A 106 8.66 4.81 4.26
C LEU A 106 9.40 3.50 4.51
N LEU A 107 9.76 3.25 5.77
CA LEU A 107 10.43 2.01 6.16
C LEU A 107 11.72 1.81 5.37
N GLN A 108 12.38 2.92 5.05
CA GLN A 108 13.52 2.88 4.13
C GLN A 108 14.73 2.18 4.73
N SER A 109 14.94 2.28 6.04
CA SER A 109 16.11 1.72 6.69
C SER A 109 15.72 0.84 7.86
N ILE A 110 16.38 -0.32 7.98
CA ILE A 110 16.19 -1.15 9.17
C ILE A 110 17.11 -0.72 10.30
N THR A 111 18.23 -0.06 10.00
CA THR A 111 19.24 0.26 11.00
C THR A 111 19.07 1.65 11.61
N ASN A 112 18.52 2.61 10.86
CA ASN A 112 18.22 3.94 11.39
C ASN A 112 16.83 4.35 10.92
N PRO A 113 15.79 3.72 11.48
CA PRO A 113 14.43 4.05 11.04
C PRO A 113 14.00 5.42 11.53
N ASN A 114 13.34 6.17 10.64
CA ASN A 114 12.74 7.44 11.01
C ASN A 114 11.38 7.12 11.61
N TYR A 115 11.34 6.96 12.94
CA TYR A 115 10.12 6.52 13.59
C TYR A 115 9.03 7.57 13.49
N GLU A 116 9.39 8.85 13.59
CA GLU A 116 8.42 9.91 13.33
C GLU A 116 7.81 9.76 11.94
N LYS A 117 8.63 9.44 10.94
CA LYS A 117 8.10 9.22 9.60
C LYS A 117 7.26 7.95 9.53
N ASN A 118 7.76 6.86 10.10
CA ASN A 118 7.07 5.58 9.97
C ASN A 118 5.77 5.51 10.77
N SER A 119 5.54 6.46 11.68
CA SER A 119 4.28 6.53 12.42
C SER A 119 3.08 6.78 11.51
N LEU A 120 3.32 7.14 10.25
CA LEU A 120 2.24 7.26 9.28
C LEU A 120 1.45 5.96 9.17
N ILE A 121 2.12 4.83 9.29
CA ILE A 121 1.47 3.53 9.08
C ILE A 121 0.34 3.33 10.08
N SER A 122 0.62 3.49 11.36
CA SER A 122 -0.43 3.30 12.35
CA SER A 122 -0.43 3.30 12.35
C SER A 122 -1.49 4.39 12.26
N ASN A 123 -1.11 5.60 11.83
CA ASN A 123 -2.08 6.69 11.80
C ASN A 123 -2.98 6.65 10.56
N ILE A 124 -2.59 5.95 9.50
CA ILE A 124 -3.54 5.72 8.43
C ILE A 124 -4.62 4.73 8.87
N LEU A 125 -4.26 3.77 9.72
CA LEU A 125 -5.14 2.65 10.05
C LEU A 125 -6.17 3.03 11.09
N LYS A 126 -7.37 2.47 10.95
CA LYS A 126 -8.33 2.45 12.04
C LYS A 126 -7.81 1.53 13.14
N SER A 127 -8.39 1.67 14.35
CA SER A 127 -7.84 0.98 15.52
C SER A 127 -7.71 -0.52 15.29
N ASN A 128 -8.73 -1.14 14.69
CA ASN A 128 -8.66 -2.57 14.44
C ASN A 128 -8.23 -2.90 13.02
N GLY A 129 -7.42 -2.03 12.40
CA GLY A 129 -7.02 -2.24 11.02
C GLY A 129 -5.89 -3.23 10.89
N ILE A 130 -5.71 -3.69 9.64
CA ILE A 130 -4.69 -4.65 9.28
C ILE A 130 -3.73 -3.99 8.30
N CYS A 131 -2.42 -4.18 8.52
CA CYS A 131 -1.40 -3.72 7.59
C CYS A 131 -0.77 -4.93 6.92
N GLU A 132 -0.63 -4.87 5.61
CA GLU A 132 0.08 -5.89 4.85
C GLU A 132 1.26 -5.22 4.17
N ILE A 133 2.45 -5.82 4.31
CA ILE A 133 3.67 -5.28 3.74
C ILE A 133 4.24 -6.35 2.83
N VAL A 134 4.43 -6.01 1.57
CA VAL A 134 5.05 -6.89 0.59
C VAL A 134 6.50 -6.48 0.46
N LEU A 135 7.42 -7.42 0.68
CA LEU A 135 8.85 -7.17 0.70
C LEU A 135 9.52 -7.92 -0.45
N GLY A 136 10.58 -7.30 -0.97
CA GLY A 136 11.41 -7.94 -1.97
C GLY A 136 11.76 -7.08 -3.17
N TYR A 137 11.00 -5.99 -3.37
CA TYR A 137 11.24 -5.12 -4.52
C TYR A 137 12.36 -4.11 -4.28
N SER A 138 12.54 -3.64 -3.04
CA SER A 138 13.55 -2.62 -2.74
C SER A 138 14.93 -3.06 -3.20
N GLN A 139 15.79 -2.07 -3.46
CA GLN A 139 17.15 -2.36 -3.92
C GLN A 139 17.93 -3.16 -2.89
N GLU A 140 17.56 -3.06 -1.60
CA GLU A 140 18.24 -3.81 -0.54
C GLU A 140 18.07 -5.32 -0.67
N TYR A 141 17.16 -5.79 -1.52
CA TYR A 141 16.92 -7.22 -1.68
C TYR A 141 17.30 -7.68 -3.09
N ARG A 148 19.44 -5.35 5.33
CA ARG A 148 18.28 -6.03 4.76
C ARG A 148 17.79 -7.15 5.69
N LEU A 149 16.51 -7.50 5.56
CA LEU A 149 15.97 -8.65 6.26
C LEU A 149 16.30 -9.92 5.48
N GLU A 150 16.77 -10.94 6.20
CA GLU A 150 17.13 -12.22 5.60
C GLU A 150 16.00 -13.22 5.90
N LEU A 151 15.06 -13.31 4.96
CA LEU A 151 13.83 -14.08 5.15
C LEU A 151 13.82 -15.41 4.38
N GLU A 152 14.87 -15.72 3.62
CA GLU A 152 14.85 -16.88 2.73
C GLU A 152 14.70 -18.18 3.51
N ASN A 153 15.37 -18.28 4.66
CA ASN A 153 15.39 -19.49 5.45
C ASN A 153 15.02 -19.16 6.88
N LEU A 154 13.81 -18.63 7.03
CA LEU A 154 13.36 -18.05 8.29
C LEU A 154 13.42 -19.08 9.41
N SER A 155 14.01 -18.68 10.53
CA SER A 155 14.08 -19.49 11.72
C SER A 155 13.36 -18.76 12.84
N VAL A 156 12.96 -19.51 13.88
CA VAL A 156 12.25 -18.87 14.99
C VAL A 156 13.14 -17.85 15.69
N GLU A 157 14.45 -18.12 15.76
CA GLU A 157 15.36 -17.19 16.42
C GLU A 157 15.45 -15.86 15.67
N TYR A 158 15.60 -15.91 14.35
CA TYR A 158 15.64 -14.68 13.57
C TYR A 158 14.29 -13.97 13.61
N LEU A 159 13.21 -14.73 13.56
CA LEU A 159 11.88 -14.13 13.62
C LEU A 159 11.69 -13.38 14.93
N LYS A 160 12.05 -14.01 16.05
CA LYS A 160 11.79 -13.44 17.37
C LYS A 160 12.76 -12.30 17.70
N SER A 161 14.02 -12.42 17.28
CA SER A 161 15.04 -11.47 17.68
C SER A 161 15.24 -10.33 16.68
N THR A 162 14.81 -10.51 15.43
CA THR A 162 15.06 -9.47 14.44
C THR A 162 13.77 -9.00 13.78
N VAL A 163 13.02 -9.91 13.19
CA VAL A 163 11.87 -9.50 12.38
C VAL A 163 10.81 -8.83 13.25
N ILE A 164 10.33 -9.52 14.26
CA ILE A 164 9.24 -8.98 15.08
C ILE A 164 9.64 -7.66 15.74
N PRO A 165 10.82 -7.51 16.36
CA PRO A 165 11.14 -6.22 17.00
C PRO A 165 11.20 -5.04 16.04
N ILE A 166 11.72 -5.25 14.82
CA ILE A 166 11.80 -4.16 13.85
C ILE A 166 10.43 -3.53 13.63
N PHE A 167 9.40 -4.35 13.57
CA PHE A 167 8.07 -3.84 13.26
C PHE A 167 7.29 -3.42 14.50
N GLU A 168 7.56 -4.05 15.65
CA GLU A 168 6.92 -3.58 16.88
C GLU A 168 7.38 -2.17 17.21
N LYS A 169 8.60 -1.81 16.83
CA LYS A 169 9.08 -0.44 16.99
C LYS A 169 8.29 0.55 16.15
N ASN A 170 7.46 0.06 15.22
CA ASN A 170 6.56 0.90 14.44
C ASN A 170 5.09 0.59 14.78
N ASN A 171 4.85 0.03 15.96
CA ASN A 171 3.51 -0.22 16.51
C ASN A 171 2.76 -1.31 15.74
N LEU A 172 3.49 -2.22 15.09
CA LEU A 172 2.89 -3.28 14.30
C LEU A 172 3.23 -4.62 14.93
N HIS A 173 2.21 -5.41 15.20
CA HIS A 173 2.38 -6.76 15.73
C HIS A 173 2.17 -7.77 14.62
N LEU A 174 3.19 -8.60 14.36
CA LEU A 174 3.14 -9.52 13.23
C LEU A 174 2.14 -10.64 13.49
N THR A 175 1.25 -10.88 12.53
CA THR A 175 0.28 -11.95 12.61
C THR A 175 0.45 -13.00 11.53
N GLU A 176 1.05 -12.67 10.39
CA GLU A 176 1.23 -13.62 9.31
C GLU A 176 2.52 -13.31 8.57
N PHE A 177 3.15 -14.37 8.07
CA PHE A 177 4.32 -14.24 7.21
C PHE A 177 4.25 -15.33 6.16
N GLY A 178 4.60 -15.02 4.93
CA GLY A 178 4.67 -16.09 3.93
C GLY A 178 5.23 -15.61 2.61
N SER A 179 5.46 -16.56 1.73
CA SER A 179 5.91 -16.25 0.38
C SER A 179 4.75 -15.81 -0.50
N LEU A 180 5.04 -14.93 -1.44
CA LEU A 180 4.09 -14.58 -2.49
C LEU A 180 4.15 -15.61 -3.61
N GLY A 181 2.98 -15.96 -4.16
CA GLY A 181 2.88 -16.82 -5.32
C GLY A 181 2.45 -16.03 -6.55
N LYS A 182 2.53 -16.70 -7.70
CA LYS A 182 2.18 -16.03 -8.95
C LYS A 182 0.72 -15.61 -8.98
N LYS A 183 -0.15 -16.31 -8.25
CA LYS A 183 -1.54 -15.88 -8.14
C LYS A 183 -1.63 -14.55 -7.41
N ASP A 184 -0.71 -14.28 -6.49
CA ASP A 184 -0.70 -13.04 -5.73
C ASP A 184 0.08 -11.92 -6.42
N LEU A 185 0.99 -12.28 -7.32
CA LEU A 185 1.72 -11.29 -8.10
C LEU A 185 0.84 -10.62 -9.13
N LYS A 186 -0.11 -11.36 -9.68
CA LYS A 186 -0.94 -10.86 -10.78
C LYS A 186 -1.59 -9.52 -10.49
N PRO A 187 -2.16 -9.25 -9.32
CA PRO A 187 -2.68 -7.89 -9.09
C PRO A 187 -1.59 -6.83 -9.09
N ILE A 188 -0.37 -7.17 -8.68
CA ILE A 188 0.69 -6.18 -8.52
C ILE A 188 1.35 -5.85 -9.86
N GLU A 189 1.71 -6.89 -10.62
CA GLU A 189 2.57 -6.83 -11.79
C GLU A 189 1.88 -7.51 -12.97
N SER A 190 2.00 -6.94 -14.16
CA SER A 190 1.63 -7.67 -15.36
C SER A 190 2.51 -8.92 -15.51
N THR A 191 1.89 -10.05 -15.89
CA THR A 191 2.66 -11.26 -16.09
C THR A 191 3.52 -11.18 -17.34
N TRP A 192 3.04 -10.50 -18.38
CA TRP A 192 3.62 -10.64 -19.70
C TRP A 192 4.41 -9.42 -20.17
N SER A 193 4.34 -8.29 -19.46
CA SER A 193 5.09 -7.10 -19.88
C SER A 193 6.58 -7.39 -19.90
N LYS A 194 7.31 -6.68 -20.78
CA LYS A 194 8.74 -6.92 -20.93
C LYS A 194 9.48 -6.54 -19.65
N LYS A 195 10.34 -7.44 -19.17
CA LYS A 195 11.10 -7.23 -17.94
C LYS A 195 12.50 -7.82 -18.12
N LEU A 196 13.41 -7.42 -17.22
CA LEU A 196 14.75 -8.00 -17.17
C LEU A 196 14.69 -9.47 -16.75
N SER A 197 15.51 -10.29 -17.41
CA SER A 197 15.63 -11.71 -17.09
C SER A 197 16.73 -11.93 -16.04
N PHE A 198 16.52 -12.94 -15.21
CA PHE A 198 17.49 -13.28 -14.17
C PHE A 198 17.77 -14.79 -14.15
N ASN A 201 16.96 -15.83 -5.75
CA ASN A 201 15.98 -16.48 -6.62
C ASN A 201 14.73 -15.62 -6.77
N ARG A 202 14.92 -14.31 -6.59
CA ARG A 202 13.88 -13.27 -6.73
C ARG A 202 12.62 -13.54 -5.89
N PRO A 203 12.73 -13.90 -4.60
CA PRO A 203 11.51 -14.20 -3.85
C PRO A 203 10.85 -12.94 -3.33
N LEU A 204 9.53 -13.01 -3.21
CA LEU A 204 8.75 -11.94 -2.62
C LEU A 204 8.00 -12.47 -1.41
N TYR A 205 7.83 -11.61 -0.40
CA TYR A 205 7.25 -12.01 0.87
C TYR A 205 6.10 -11.07 1.23
N GLN A 206 5.13 -11.64 1.94
CA GLN A 206 3.96 -10.94 2.43
C GLN A 206 3.95 -11.05 3.95
N LEU A 207 3.80 -9.93 4.63
CA LEU A 207 3.74 -9.90 6.09
C LEU A 207 2.50 -9.13 6.47
N LYS A 208 1.73 -9.66 7.42
CA LYS A 208 0.53 -8.99 7.91
C LYS A 208 0.69 -8.65 9.38
N PHE A 209 0.10 -7.53 9.77
CA PHE A 209 0.22 -7.01 11.12
C PHE A 209 -1.13 -6.48 11.58
N LYS A 210 -1.28 -6.41 12.90
CA LYS A 210 -2.30 -5.55 13.50
C LYS A 210 -1.60 -4.55 14.41
N LYS A 211 -2.34 -3.55 14.84
CA LYS A 211 -1.77 -2.55 15.73
C LYS A 211 -1.44 -3.16 17.09
N MET A 212 -0.36 -2.67 17.68
CA MET A 212 0.00 -3.14 19.01
C MET A 212 -0.86 -2.44 20.06
S SO4 B . -7.39 12.08 -20.34
O1 SO4 B . -6.09 11.63 -20.76
O2 SO4 B . -8.32 10.98 -20.36
O3 SO4 B . -7.86 13.10 -21.25
O4 SO4 B . -7.32 12.62 -19.02
S SO4 C . -1.39 16.66 -0.45
O1 SO4 C . -1.24 17.42 -1.67
O2 SO4 C . -0.96 15.30 -0.67
O3 SO4 C . -2.77 16.67 -0.05
O4 SO4 C . -0.58 17.25 0.59
S SO4 D . -4.30 20.64 0.73
O1 SO4 D . -5.37 19.69 0.58
O2 SO4 D . -3.05 19.98 0.46
O3 SO4 D . -4.29 21.15 2.07
O4 SO4 D . -4.48 21.72 -0.20
S SO4 E . -1.36 -9.31 -17.65
O1 SO4 E . -2.31 -10.14 -18.35
O2 SO4 E . -0.20 -9.12 -18.49
O3 SO4 E . -0.97 -9.96 -16.44
O4 SO4 E . -1.97 -8.04 -17.36
S SO4 F . -7.42 -0.03 -21.91
O1 SO4 F . -7.86 -0.28 -23.26
O2 SO4 F . -7.13 -1.27 -21.25
O3 SO4 F . -8.45 0.67 -21.19
O4 SO4 F . -6.23 0.78 -21.93
#